data_4N6P
#
_entry.id   4N6P
#
_cell.length_a   62.144
_cell.length_b   49.884
_cell.length_c   65.210
_cell.angle_alpha   90.00
_cell.angle_beta   106.83
_cell.angle_gamma   90.00
#
_symmetry.space_group_name_H-M   'P 1 21 1'
#
loop_
_entity.id
_entity.type
_entity.pdbx_description
1 polymer Lactotransferrin
2 polymer 'C-terminal peptide from Lactotransferrin'
3 branched 2-acetamido-2-deoxy-beta-D-glucopyranose-(1-4)-2-acetamido-2-deoxy-beta-D-glucopyranose
4 non-polymer 'ZINC ION'
5 non-polymer 'FE (III) ION'
6 non-polymer 'CARBONATE ION'
7 non-polymer 'SULFATE ION'
8 non-polymer 2-acetamido-2-deoxy-beta-D-glucopyranose
9 non-polymer GLYCEROL
10 non-polymer '2-[(2,6-dichloro-3-methyl-phenyl)amino]benzoic acid'
11 water water
#
loop_
_entity_poly.entity_id
_entity_poly.type
_entity_poly.pdbx_seq_one_letter_code
_entity_poly.pdbx_strand_id
1 'polypeptide(L)'
;YTRVVWCAVGPEEQKKCQQWSQQSGQNVTCATASTTDDCIVLVLKGEADALNLDGGYIYTAGKCGLVPVLAENRKSSKHS
SLDCVLRPTEGYLAVAVVKKANEGLTWNSLKDKKSCHTAVDRTAGWNIPMGLIVNQTGSCAFDEFFSQSCAPGADPKSRL
CALCAGDDQGLDKCVPNSKEKYYGYTGAFRCLAEDVGDVAFVKNDTVWENTNGESTADWAKNLKREDFRLLCLDGTRKPV
TEAQSCHLAVAPNHAVVSRSDRAAHVEQVLLHQQALFGKNGKNCPDKFCLFKSETKNLLFNDNTECLAKLGGRPTYEEYL
GTEYVTAIANLKKCSLEACAF
;
A
2 'polypeptide(L)' LEACAF B
#
loop_
_chem_comp.id
_chem_comp.type
_chem_comp.name
_chem_comp.formula
CO3 non-polymer 'CARBONATE ION' 'C O3 -2'
FE non-polymer 'FE (III) ION' 'Fe 3'
GOL non-polymer GLYCEROL 'C3 H8 O3'
JMS non-polymer '2-[(2,6-dichloro-3-methyl-phenyl)amino]benzoic acid' 'C14 H11 Cl2 N O2'
NAG D-saccharide, beta linking 2-acetamido-2-deoxy-beta-D-glucopyranose 'C8 H15 N O6'
SO4 non-polymer 'SULFATE ION' 'O4 S -2'
ZN non-polymer 'ZINC ION' 'Zn 2'
#
# COMPACT_ATOMS: atom_id res chain seq x y z
N TYR A 1 -13.44 7.67 26.74
CA TYR A 1 -12.53 6.47 26.80
C TYR A 1 -12.76 5.55 25.56
N THR A 2 -14.01 5.60 25.04
CA THR A 2 -14.32 5.09 23.70
C THR A 2 -13.57 5.87 22.60
N ARG A 3 -12.81 6.93 22.93
CA ARG A 3 -12.07 7.69 21.89
C ARG A 3 -10.96 6.86 21.26
N VAL A 4 -10.93 6.81 19.93
CA VAL A 4 -9.87 6.07 19.20
C VAL A 4 -8.87 7.06 18.59
N VAL A 5 -7.60 6.83 18.88
CA VAL A 5 -6.50 7.66 18.43
C VAL A 5 -5.91 7.05 17.12
N TRP A 6 -6.21 7.63 15.99
CA TRP A 6 -5.62 7.14 14.71
C TRP A 6 -4.21 7.59 14.54
N CYS A 7 -3.35 6.87 13.83
CA CYS A 7 -2.02 7.34 13.50
C CYS A 7 -1.92 7.67 12.02
N ALA A 8 -1.70 8.97 11.78
CA ALA A 8 -1.50 9.50 10.43
C ALA A 8 -0.05 9.50 10.06
N VAL A 9 0.27 9.08 8.84
CA VAL A 9 1.67 9.03 8.33
C VAL A 9 1.89 10.23 7.45
N GLY A 10 2.62 11.19 7.97
CA GLY A 10 2.92 12.44 7.26
C GLY A 10 1.78 13.42 7.23
N PRO A 11 2.08 14.64 6.77
CA PRO A 11 1.19 15.77 6.97
C PRO A 11 -0.08 15.81 6.13
N GLU A 12 -0.10 15.10 4.98
CA GLU A 12 -1.34 15.04 4.18
C GLU A 12 -2.34 14.11 4.88
N GLU A 13 -1.84 12.95 5.35
CA GLU A 13 -2.72 12.13 6.15
C GLU A 13 -3.18 12.86 7.44
N GLN A 14 -2.24 13.60 8.08
CA GLN A 14 -2.66 14.33 9.29
C GLN A 14 -3.82 15.31 8.99
N LYS A 15 -3.79 16.02 7.87
CA LYS A 15 -4.86 16.94 7.55
C LYS A 15 -6.19 16.21 7.41
N LYS A 16 -6.17 15.08 6.68
CA LYS A 16 -7.33 14.22 6.50
C LYS A 16 -7.82 13.71 7.81
N CYS A 17 -6.89 13.25 8.66
CA CYS A 17 -7.37 12.75 9.95
C CYS A 17 -7.95 13.83 10.82
N GLN A 18 -7.42 15.06 10.74
CA GLN A 18 -7.97 16.16 11.56
C GLN A 18 -9.40 16.43 11.04
N GLN A 19 -9.67 16.32 9.76
CA GLN A 19 -11.04 16.52 9.23
C GLN A 19 -11.94 15.42 9.75
N TRP A 20 -11.46 14.18 9.71
CA TRP A 20 -12.31 13.10 10.24
C TRP A 20 -12.59 13.35 11.73
N SER A 21 -11.54 13.73 12.48
CA SER A 21 -11.73 13.94 13.93
C SER A 21 -12.77 15.04 14.20
N GLN A 22 -12.69 16.14 13.47
CA GLN A 22 -13.75 17.23 13.62
C GLN A 22 -15.13 16.67 13.30
N GLN A 23 -15.27 15.91 12.20
CA GLN A 23 -16.58 15.41 11.82
C GLN A 23 -17.13 14.34 12.71
N SER A 24 -16.25 13.54 13.35
CA SER A 24 -16.63 12.51 14.28
C SER A 24 -16.93 13.00 15.70
N GLY A 25 -16.84 14.31 15.89
CA GLY A 25 -16.98 14.98 17.22
C GLY A 25 -16.03 14.41 18.24
N GLN A 26 -14.78 14.28 17.76
CA GLN A 26 -13.61 13.70 18.49
C GLN A 26 -13.82 12.28 18.99
N ASN A 27 -14.72 11.50 18.41
CA ASN A 27 -14.78 10.06 18.67
C ASN A 27 -13.46 9.42 18.13
N VAL A 28 -12.94 10.05 17.09
CA VAL A 28 -11.57 9.73 16.60
C VAL A 28 -10.75 10.97 16.75
N THR A 29 -9.50 10.80 17.22
CA THR A 29 -8.54 11.89 17.24
C THR A 29 -7.21 11.44 16.62
N CYS A 30 -6.22 12.28 16.49
CA CYS A 30 -5.09 11.99 15.53
C CYS A 30 -3.75 12.07 16.21
N ALA A 31 -2.90 11.11 16.03
CA ALA A 31 -1.52 11.27 16.29
C ALA A 31 -0.82 11.27 14.97
N THR A 32 0.36 11.82 14.78
CA THR A 32 0.97 11.78 13.45
C THR A 32 2.42 11.43 13.64
N ALA A 33 2.98 10.69 12.69
CA ALA A 33 4.41 10.39 12.66
C ALA A 33 4.87 10.52 11.18
N SER A 34 6.17 10.48 10.98
CA SER A 34 6.69 10.72 9.63
C SER A 34 6.72 9.48 8.79
N THR A 35 6.73 8.26 9.39
CA THR A 35 6.79 7.04 8.64
C THR A 35 5.90 6.01 9.28
N THR A 36 5.56 4.99 8.48
CA THR A 36 4.69 3.90 9.03
C THR A 36 5.34 3.19 10.18
N ASP A 37 6.61 2.92 10.16
CA ASP A 37 7.25 2.33 11.29
C ASP A 37 7.18 3.16 12.53
N ASP A 38 7.28 4.50 12.40
CA ASP A 38 7.12 5.31 13.56
C ASP A 38 5.71 5.27 14.10
N CYS A 39 4.70 5.20 13.24
CA CYS A 39 3.30 5.01 13.74
C CYS A 39 3.15 3.67 14.45
N ILE A 40 3.75 2.60 13.94
CA ILE A 40 3.68 1.29 14.63
C ILE A 40 4.28 1.48 16.02
N VAL A 41 5.37 2.20 16.16
CA VAL A 41 5.95 2.43 17.52
C VAL A 41 4.99 3.22 18.36
N LEU A 42 4.33 4.23 17.85
CA LEU A 42 3.36 4.95 18.68
C LEU A 42 2.25 4.04 19.13
N VAL A 43 1.80 3.15 18.29
CA VAL A 43 0.73 2.21 18.77
C VAL A 43 1.31 1.26 19.79
N LEU A 44 2.54 0.72 19.63
CA LEU A 44 3.13 -0.10 20.65
C LEU A 44 3.25 0.57 21.95
N LYS A 45 3.53 1.86 21.96
CA LYS A 45 3.65 2.62 23.21
C LYS A 45 2.35 2.97 23.80
N GLY A 46 1.26 2.77 23.15
CA GLY A 46 -0.10 3.16 23.58
C GLY A 46 -0.41 4.62 23.38
N GLU A 47 0.39 5.32 22.53
CA GLU A 47 0.18 6.73 22.24
C GLU A 47 -0.66 6.95 20.98
N ALA A 48 -0.94 5.84 20.24
CA ALA A 48 -1.99 5.82 19.25
C ALA A 48 -2.65 4.47 19.37
N ASP A 49 -3.83 4.35 18.79
CA ASP A 49 -4.53 3.07 18.83
C ASP A 49 -4.45 2.24 17.56
N ALA A 50 -4.41 2.85 16.36
CA ALA A 50 -4.63 2.02 15.18
C ALA A 50 -4.22 2.82 13.96
N LEU A 51 -3.94 2.03 12.90
CA LEU A 51 -3.78 2.60 11.54
C LEU A 51 -3.98 1.49 10.56
N ASN A 52 -4.27 1.85 9.27
CA ASN A 52 -4.34 0.87 8.20
C ASN A 52 -3.00 0.58 7.59
N LEU A 53 -2.69 -0.64 7.32
CA LEU A 53 -1.39 -1.06 6.89
C LEU A 53 -1.38 -1.94 5.67
N ASP A 54 -0.44 -1.74 4.76
CA ASP A 54 -0.09 -2.73 3.76
C ASP A 54 0.38 -4.03 4.44
N GLY A 55 0.28 -5.14 3.77
CA GLY A 55 0.59 -6.43 4.31
C GLY A 55 2.04 -6.54 4.75
N GLY A 56 3.01 -5.87 4.06
CA GLY A 56 4.45 -5.93 4.55
C GLY A 56 4.57 -5.25 5.88
N TYR A 57 3.84 -4.17 6.07
CA TYR A 57 3.83 -3.45 7.37
C TYR A 57 3.09 -4.27 8.36
N ILE A 58 2.03 -5.04 8.02
CA ILE A 58 1.37 -5.90 9.00
C ILE A 58 2.36 -6.92 9.48
N TYR A 59 3.25 -7.40 8.67
CA TYR A 59 4.27 -8.34 9.17
C TYR A 59 5.12 -7.63 10.26
N THR A 60 5.65 -6.44 10.00
CA THR A 60 6.42 -5.71 11.04
C THR A 60 5.58 -5.57 12.27
N ALA A 61 4.32 -5.11 12.14
CA ALA A 61 3.50 -4.82 13.31
C ALA A 61 3.15 -6.08 14.06
N GLY A 62 2.94 -7.15 13.33
CA GLY A 62 2.54 -8.39 13.99
C GLY A 62 3.68 -9.05 14.70
N LYS A 63 4.89 -8.93 14.19
CA LYS A 63 6.04 -9.47 14.93
C LYS A 63 6.17 -8.78 16.27
N CYS A 64 5.69 -7.54 16.33
CA CYS A 64 5.68 -6.77 17.58
C CYS A 64 4.45 -6.90 18.49
N GLY A 65 3.51 -7.73 18.07
CA GLY A 65 2.33 -8.09 18.86
C GLY A 65 1.09 -7.37 18.46
N LEU A 66 1.09 -6.54 17.38
CA LEU A 66 -0.16 -5.90 17.02
C LEU A 66 -0.99 -6.92 16.19
N VAL A 67 -2.29 -6.70 16.17
CA VAL A 67 -3.22 -7.72 15.57
C VAL A 67 -4.09 -7.05 14.48
N PRO A 68 -4.46 -7.80 13.45
CA PRO A 68 -5.38 -7.26 12.45
C PRO A 68 -6.76 -7.14 13.01
N VAL A 69 -7.52 -6.08 12.68
CA VAL A 69 -8.87 -5.77 13.25
C VAL A 69 -9.92 -5.87 12.18
N LEU A 70 -9.79 -5.13 11.04
CA LEU A 70 -10.74 -5.13 9.93
C LEU A 70 -9.91 -4.99 8.70
N ALA A 71 -10.35 -5.49 7.57
CA ALA A 71 -9.60 -5.36 6.30
C ALA A 71 -10.29 -4.48 5.31
N GLU A 72 -9.51 -3.75 4.50
CA GLU A 72 -10.14 -3.12 3.31
C GLU A 72 -10.78 -4.15 2.37
N ASN A 73 -11.99 -3.83 1.91
CA ASN A 73 -12.66 -4.69 0.91
C ASN A 73 -12.99 -3.75 -0.21
N ARG A 74 -12.51 -4.09 -1.41
CA ARG A 74 -12.93 -3.24 -2.58
C ARG A 74 -14.16 -3.88 -3.28
N LYS A 75 -14.69 -3.25 -4.34
CA LYS A 75 -15.72 -3.95 -5.18
C LYS A 75 -15.29 -5.37 -5.62
N SER A 76 -16.23 -6.32 -5.55
CA SER A 76 -15.94 -7.73 -5.87
C SER A 76 -16.79 -8.13 -7.06
N SER A 77 -16.62 -9.37 -7.52
CA SER A 77 -17.56 -10.06 -8.42
C SER A 77 -18.49 -11.20 -7.91
N LYS A 78 -17.93 -12.28 -7.34
CA LYS A 78 -18.72 -13.31 -6.58
C LYS A 78 -19.04 -12.88 -5.12
N HIS A 79 -20.16 -13.41 -4.58
CA HIS A 79 -20.69 -13.09 -3.20
C HIS A 79 -21.40 -11.72 -3.08
N SER A 80 -22.07 -11.30 -4.16
CA SER A 80 -22.72 -9.96 -4.24
C SER A 80 -23.98 -9.84 -3.33
N SER A 81 -24.56 -10.99 -2.98
CA SER A 81 -25.59 -11.12 -1.94
C SER A 81 -25.08 -10.57 -0.60
N LEU A 82 -23.87 -10.99 -0.21
CA LEU A 82 -23.23 -10.66 1.06
C LEU A 82 -22.92 -9.16 1.17
N ASP A 83 -23.32 -8.56 2.29
CA ASP A 83 -22.93 -7.19 2.62
C ASP A 83 -21.39 -7.09 2.67
N CYS A 84 -20.90 -5.96 2.16
CA CYS A 84 -19.46 -5.66 2.14
C CYS A 84 -18.77 -5.99 3.47
N VAL A 85 -19.39 -5.61 4.60
CA VAL A 85 -18.71 -5.85 5.86
C VAL A 85 -18.52 -7.33 6.17
N LEU A 86 -19.37 -8.21 5.60
CA LEU A 86 -19.33 -9.63 5.89
C LEU A 86 -18.67 -10.46 4.79
N ARG A 87 -18.24 -9.80 3.72
CA ARG A 87 -17.74 -10.51 2.58
C ARG A 87 -16.25 -10.85 2.80
N PRO A 88 -15.81 -12.11 2.49
CA PRO A 88 -14.34 -12.46 2.55
C PRO A 88 -13.58 -11.54 1.59
N THR A 89 -12.42 -11.11 2.01
CA THR A 89 -11.59 -10.27 1.12
C THR A 89 -11.00 -11.14 0.02
N GLU A 90 -10.63 -10.52 -1.09
CA GLU A 90 -10.11 -11.25 -2.26
C GLU A 90 -8.63 -11.14 -2.62
N GLY A 91 -7.91 -10.34 -1.92
CA GLY A 91 -6.52 -10.03 -2.28
C GLY A 91 -6.50 -9.10 -3.47
N TYR A 92 -5.37 -8.49 -3.74
CA TYR A 92 -5.13 -7.69 -4.92
C TYR A 92 -3.95 -8.19 -5.66
N LEU A 93 -3.83 -7.84 -6.95
CA LEU A 93 -2.82 -8.46 -7.78
C LEU A 93 -1.59 -7.55 -7.81
N ALA A 94 -0.45 -8.06 -7.36
CA ALA A 94 0.85 -7.36 -7.52
C ALA A 94 1.30 -7.54 -8.95
N VAL A 95 1.66 -6.39 -9.58
CA VAL A 95 2.05 -6.43 -11.00
C VAL A 95 3.38 -5.70 -11.18
N ALA A 96 4.04 -5.94 -12.30
CA ALA A 96 5.11 -5.14 -12.81
C ALA A 96 4.61 -4.45 -14.05
N VAL A 97 4.81 -3.15 -14.12
CA VAL A 97 4.23 -2.35 -15.23
C VAL A 97 5.36 -1.61 -15.90
N VAL A 98 5.28 -1.61 -17.24
CA VAL A 98 6.25 -0.88 -18.07
C VAL A 98 5.48 -0.14 -19.16
N LYS A 99 6.23 0.78 -19.86
CA LYS A 99 5.57 1.40 -21.05
C LYS A 99 5.66 0.42 -22.26
N LYS A 100 4.54 0.43 -22.99
CA LYS A 100 4.49 -0.37 -24.29
C LYS A 100 5.62 0.05 -25.27
N ALA A 101 5.94 1.33 -25.24
CA ALA A 101 6.98 1.87 -26.15
C ALA A 101 8.39 1.39 -25.78
N ASN A 102 8.59 0.96 -24.52
CA ASN A 102 9.86 0.40 -24.11
C ASN A 102 9.88 -1.07 -24.51
N GLU A 103 10.07 -1.29 -25.79
CA GLU A 103 9.81 -2.60 -26.36
C GLU A 103 10.89 -3.59 -25.98
N GLY A 104 10.54 -4.87 -25.92
CA GLY A 104 11.64 -5.78 -25.46
C GLY A 104 12.19 -5.66 -24.00
N LEU A 105 11.68 -4.74 -23.19
CA LEU A 105 11.86 -4.93 -21.74
C LEU A 105 10.86 -6.01 -21.31
N THR A 106 11.42 -7.00 -20.67
CA THR A 106 10.65 -8.12 -20.06
C THR A 106 11.17 -8.37 -18.63
N TRP A 107 10.45 -9.28 -17.91
CA TRP A 107 10.99 -9.69 -16.60
C TRP A 107 12.44 -10.12 -16.62
N ASN A 108 12.79 -10.76 -17.73
CA ASN A 108 14.13 -11.29 -17.86
C ASN A 108 15.14 -10.30 -18.29
N SER A 109 14.82 -9.03 -18.54
CA SER A 109 15.81 -8.08 -18.85
C SER A 109 15.75 -6.90 -17.99
N LEU A 110 15.36 -7.11 -16.69
CA LEU A 110 15.24 -6.01 -15.70
C LEU A 110 16.51 -5.56 -15.11
N LYS A 111 17.53 -6.47 -15.09
CA LYS A 111 18.81 -6.06 -14.55
C LYS A 111 19.33 -4.77 -15.12
N ASP A 112 19.86 -3.86 -14.26
CA ASP A 112 20.40 -2.56 -14.70
C ASP A 112 19.40 -1.55 -15.22
N LYS A 113 18.10 -1.84 -15.12
CA LYS A 113 17.09 -0.84 -15.48
C LYS A 113 16.74 0.01 -14.25
N LYS A 114 15.87 0.99 -14.48
CA LYS A 114 15.46 1.97 -13.44
C LYS A 114 14.08 1.48 -12.91
N SER A 115 13.95 1.48 -11.55
CA SER A 115 12.69 0.92 -10.99
C SER A 115 12.03 1.91 -10.07
N CYS A 116 10.69 1.75 -9.98
CA CYS A 116 9.86 2.59 -9.13
C CYS A 116 9.10 1.66 -8.17
N HIS A 117 9.26 1.85 -6.86
CA HIS A 117 8.63 1.01 -5.83
C HIS A 117 7.75 1.83 -4.98
N THR A 118 6.65 1.25 -4.45
CA THR A 118 5.74 2.01 -3.54
C THR A 118 6.51 2.47 -2.28
N ALA A 119 7.27 1.55 -1.68
CA ALA A 119 8.19 1.86 -0.53
C ALA A 119 8.92 0.56 -0.17
N VAL A 120 10.06 0.66 0.48
CA VAL A 120 10.67 -0.56 1.06
C VAL A 120 9.65 -1.13 2.04
N ASP A 121 9.62 -2.46 2.09
CA ASP A 121 8.83 -3.25 3.05
C ASP A 121 7.43 -3.40 2.67
N ARG A 122 6.95 -2.85 1.56
CA ARG A 122 5.52 -3.01 1.16
C ARG A 122 5.39 -4.18 0.22
N THR A 123 4.19 -4.75 0.16
CA THR A 123 3.94 -6.02 -0.59
C THR A 123 4.26 -6.03 -2.11
N ALA A 124 3.43 -5.27 -2.81
CA ALA A 124 3.64 -5.24 -4.28
C ALA A 124 4.84 -4.42 -4.65
N GLY A 125 5.14 -3.43 -3.84
CA GLY A 125 6.22 -2.53 -4.22
C GLY A 125 7.59 -3.14 -3.98
N TRP A 126 7.71 -4.02 -2.99
CA TRP A 126 9.02 -4.45 -2.57
C TRP A 126 9.12 -5.92 -2.22
N ASN A 127 8.30 -6.44 -1.28
CA ASN A 127 8.53 -7.81 -0.82
C ASN A 127 8.40 -8.82 -1.93
N ILE A 128 7.37 -8.70 -2.70
CA ILE A 128 7.12 -9.65 -3.81
C ILE A 128 8.15 -9.51 -4.93
N PRO A 129 8.43 -8.34 -5.50
CA PRO A 129 9.39 -8.31 -6.62
C PRO A 129 10.79 -8.50 -6.10
N MET A 130 11.19 -7.96 -4.97
CA MET A 130 12.54 -8.19 -4.55
C MET A 130 12.77 -9.61 -4.03
N GLY A 131 11.75 -10.19 -3.44
CA GLY A 131 11.88 -11.60 -3.01
C GLY A 131 12.09 -12.46 -4.25
N LEU A 132 11.34 -12.23 -5.29
CA LEU A 132 11.48 -12.99 -6.52
C LEU A 132 12.82 -12.78 -7.16
N ILE A 133 13.24 -11.55 -7.25
CA ILE A 133 14.59 -11.23 -7.80
C ILE A 133 15.72 -11.82 -6.99
N VAL A 134 15.68 -11.76 -5.66
CA VAL A 134 16.78 -12.40 -4.86
C VAL A 134 16.80 -13.89 -5.15
N ASN A 135 15.66 -14.53 -5.19
CA ASN A 135 15.56 -15.97 -5.43
C ASN A 135 16.08 -16.28 -6.79
N GLN A 136 15.58 -15.59 -7.82
CA GLN A 136 16.05 -15.92 -9.17
C GLN A 136 17.50 -15.59 -9.39
N THR A 137 18.07 -14.53 -8.77
CA THR A 137 19.49 -14.19 -9.06
C THR A 137 20.43 -15.03 -8.16
N GLY A 138 19.83 -15.72 -7.18
CA GLY A 138 20.58 -16.32 -6.06
C GLY A 138 21.51 -15.35 -5.37
N SER A 139 21.17 -14.07 -5.31
CA SER A 139 21.99 -13.07 -4.65
C SER A 139 21.21 -12.12 -3.73
N CYS A 140 21.76 -11.81 -2.56
CA CYS A 140 21.11 -10.89 -1.64
C CYS A 140 21.40 -9.44 -1.95
N ALA A 141 22.13 -9.12 -3.02
CA ALA A 141 22.61 -7.76 -3.23
C ALA A 141 21.50 -7.04 -4.01
N PHE A 142 20.28 -7.11 -3.49
CA PHE A 142 19.16 -6.52 -4.25
C PHE A 142 19.26 -4.98 -4.39
N ASP A 143 20.21 -4.33 -3.73
CA ASP A 143 20.51 -2.95 -3.89
C ASP A 143 21.45 -2.65 -5.04
N GLU A 144 21.79 -3.66 -5.74
CA GLU A 144 22.67 -3.54 -6.91
C GLU A 144 22.04 -4.05 -8.19
N PHE A 145 20.78 -4.44 -8.13
CA PHE A 145 20.15 -5.03 -9.26
C PHE A 145 19.75 -4.00 -10.29
N PHE A 146 18.93 -3.03 -9.88
CA PHE A 146 18.51 -1.98 -10.76
C PHE A 146 19.57 -0.89 -10.72
N SER A 147 19.79 -0.18 -11.81
CA SER A 147 20.85 0.87 -11.85
C SER A 147 20.53 2.05 -10.92
N GLN A 148 19.25 2.39 -10.89
CA GLN A 148 18.76 3.46 -10.01
C GLN A 148 17.29 3.11 -9.69
N SER A 149 16.81 3.60 -8.55
CA SER A 149 15.42 3.32 -8.19
C SER A 149 14.85 4.51 -7.38
N CYS A 150 13.52 4.53 -7.23
CA CYS A 150 12.85 5.25 -6.14
C CYS A 150 12.22 4.18 -5.28
N ALA A 151 12.76 3.96 -4.08
CA ALA A 151 12.22 2.95 -3.13
C ALA A 151 12.17 3.72 -1.79
N PRO A 152 11.13 4.44 -1.57
CA PRO A 152 11.02 5.27 -0.33
C PRO A 152 11.26 4.48 0.92
N GLY A 153 12.07 5.03 1.84
CA GLY A 153 12.55 4.34 2.99
C GLY A 153 13.94 3.83 2.96
N ALA A 154 14.50 3.75 1.78
CA ALA A 154 15.90 3.33 1.71
C ALA A 154 16.86 4.49 2.06
N ASP A 155 18.16 4.24 2.02
CA ASP A 155 19.08 5.34 2.41
C ASP A 155 19.00 6.39 1.31
N PRO A 156 18.75 7.69 1.63
CA PRO A 156 18.59 8.72 0.58
C PRO A 156 19.85 8.95 -0.28
N LYS A 157 21.02 8.48 0.15
CA LYS A 157 22.20 8.72 -0.69
C LYS A 157 22.45 7.55 -1.59
N SER A 158 21.69 6.48 -1.44
CA SER A 158 21.92 5.29 -2.24
C SER A 158 21.19 5.29 -3.56
N ARG A 159 21.62 4.34 -4.37
CA ARG A 159 20.97 4.19 -5.68
C ARG A 159 19.52 3.85 -5.56
N LEU A 160 19.12 3.20 -4.47
CA LEU A 160 17.71 2.86 -4.27
C LEU A 160 16.81 4.09 -4.07
N CYS A 161 17.36 5.28 -3.79
CA CYS A 161 16.60 6.56 -3.70
C CYS A 161 16.94 7.56 -4.79
N ALA A 162 17.80 7.10 -5.75
CA ALA A 162 18.31 8.14 -6.73
C ALA A 162 17.22 8.75 -7.54
N LEU A 163 16.12 8.02 -7.85
CA LEU A 163 15.06 8.58 -8.65
C LEU A 163 13.95 9.28 -7.89
N CYS A 164 14.02 9.19 -6.52
CA CYS A 164 13.03 9.86 -5.75
C CYS A 164 13.17 11.37 -5.82
N ALA A 165 12.05 12.06 -5.68
CA ALA A 165 11.97 13.55 -5.98
C ALA A 165 11.65 14.41 -4.77
N GLY A 166 11.29 13.85 -3.62
CA GLY A 166 10.96 14.71 -2.49
C GLY A 166 9.65 15.45 -2.77
N ASP A 167 9.44 16.53 -1.97
CA ASP A 167 8.21 17.36 -1.98
C ASP A 167 8.30 18.53 -2.96
N ASP A 168 7.31 19.42 -2.90
CA ASP A 168 7.14 20.51 -3.89
C ASP A 168 8.38 21.40 -3.89
N GLN A 169 9.14 21.41 -2.79
CA GLN A 169 10.39 22.17 -2.60
C GLN A 169 11.60 21.34 -2.80
N GLY A 170 11.41 20.07 -3.13
CA GLY A 170 12.53 19.17 -3.28
C GLY A 170 13.21 18.75 -2.02
N LEU A 171 12.52 18.86 -0.84
CA LEU A 171 12.95 18.33 0.47
C LEU A 171 12.36 16.95 0.72
N ASP A 172 12.84 16.24 1.73
CA ASP A 172 12.23 14.98 2.11
C ASP A 172 12.41 13.91 0.97
N LYS A 173 13.45 13.97 0.17
CA LYS A 173 13.63 12.96 -0.90
C LYS A 173 13.62 11.65 -0.24
N CYS A 174 12.86 10.71 -0.84
CA CYS A 174 12.85 9.30 -0.44
C CYS A 174 12.12 9.03 0.90
N VAL A 175 11.49 10.03 1.51
CA VAL A 175 10.79 9.69 2.74
C VAL A 175 9.61 8.79 2.40
N PRO A 176 9.34 7.81 3.27
CA PRO A 176 8.18 6.86 2.98
C PRO A 176 6.87 7.42 3.48
N ASN A 177 6.49 8.55 2.94
CA ASN A 177 5.24 9.08 3.13
C ASN A 177 4.76 9.90 1.94
N SER A 178 3.51 10.36 1.91
CA SER A 178 2.91 10.91 0.68
C SER A 178 3.58 12.21 0.27
N LYS A 179 4.40 12.86 1.13
CA LYS A 179 5.16 14.08 0.68
C LYS A 179 6.07 13.78 -0.42
N GLU A 180 6.64 12.59 -0.46
CA GLU A 180 7.56 12.14 -1.57
C GLU A 180 6.70 11.97 -2.83
N LYS A 181 7.07 12.64 -3.93
CA LYS A 181 6.23 12.65 -5.13
C LYS A 181 5.97 11.24 -5.61
N TYR A 182 7.00 10.38 -5.49
CA TYR A 182 6.92 9.01 -6.06
C TYR A 182 6.59 7.93 -5.01
N TYR A 183 6.02 8.34 -3.86
CA TYR A 183 5.60 7.38 -2.83
C TYR A 183 4.32 6.67 -3.16
N GLY A 184 4.27 5.40 -2.75
CA GLY A 184 3.00 4.66 -2.71
C GLY A 184 2.61 4.15 -4.08
N TYR A 185 1.42 3.59 -4.15
CA TYR A 185 1.00 3.07 -5.48
C TYR A 185 0.93 4.15 -6.55
N THR A 186 0.28 5.28 -6.21
CA THR A 186 0.13 6.38 -7.19
C THR A 186 1.51 6.99 -7.50
N GLY A 187 2.39 7.18 -6.50
CA GLY A 187 3.69 7.79 -6.78
C GLY A 187 4.59 6.91 -7.60
N ALA A 188 4.60 5.55 -7.38
CA ALA A 188 5.39 4.68 -8.17
C ALA A 188 4.84 4.55 -9.58
N PHE A 189 3.53 4.63 -9.74
CA PHE A 189 2.97 4.61 -11.11
C PHE A 189 3.29 5.96 -11.78
N ARG A 190 3.27 7.10 -11.08
CA ARG A 190 3.67 8.41 -11.67
C ARG A 190 5.11 8.32 -12.02
N CYS A 191 6.02 7.70 -11.28
CA CYS A 191 7.44 7.55 -11.64
C CYS A 191 7.54 6.85 -12.99
N LEU A 192 6.82 5.78 -13.28
CA LEU A 192 6.82 5.18 -14.57
C LEU A 192 6.13 6.08 -15.56
N ALA A 193 5.00 6.71 -15.27
CA ALA A 193 4.31 7.49 -16.32
C ALA A 193 5.20 8.63 -16.80
N GLU A 194 5.98 9.20 -15.96
CA GLU A 194 6.87 10.34 -16.31
C GLU A 194 8.15 9.82 -16.87
N ASP A 195 8.37 8.53 -17.04
CA ASP A 195 9.61 7.93 -17.59
C ASP A 195 10.81 8.21 -16.77
N VAL A 196 10.57 8.43 -15.44
CA VAL A 196 11.71 8.45 -14.50
C VAL A 196 12.26 7.06 -14.35
N GLY A 197 11.35 6.04 -14.17
CA GLY A 197 11.78 4.63 -14.16
C GLY A 197 11.31 3.89 -15.44
N ASP A 198 11.86 2.72 -15.60
CA ASP A 198 11.44 1.77 -16.64
C ASP A 198 10.34 0.82 -16.22
N VAL A 199 10.25 0.55 -14.89
CA VAL A 199 9.28 -0.43 -14.39
C VAL A 199 8.69 0.15 -13.10
N ALA A 200 7.41 -0.08 -12.87
CA ALA A 200 6.90 0.18 -11.53
C ALA A 200 6.26 -1.10 -10.98
N PHE A 201 6.45 -1.20 -9.68
CA PHE A 201 5.89 -2.39 -8.92
C PHE A 201 4.79 -1.87 -8.14
N VAL A 202 3.58 -2.10 -8.64
CA VAL A 202 2.34 -1.64 -8.02
C VAL A 202 1.28 -2.77 -8.05
N LYS A 203 0.03 -2.39 -7.95
CA LYS A 203 -1.06 -3.38 -8.08
C LYS A 203 -1.86 -3.10 -9.33
N ASN A 204 -2.58 -4.12 -9.76
CA ASN A 204 -3.39 -3.94 -10.98
C ASN A 204 -4.28 -2.73 -10.88
N ASP A 205 -4.95 -2.46 -9.72
CA ASP A 205 -5.98 -1.42 -9.68
C ASP A 205 -5.33 -0.08 -9.98
N THR A 206 -4.10 0.15 -9.52
CA THR A 206 -3.45 1.49 -9.70
C THR A 206 -3.37 1.83 -11.21
N VAL A 207 -3.06 0.88 -12.10
CA VAL A 207 -2.99 1.15 -13.58
C VAL A 207 -4.36 1.68 -14.02
N TRP A 208 -5.40 0.96 -13.68
CA TRP A 208 -6.77 1.29 -14.16
C TRP A 208 -7.24 2.59 -13.60
N GLU A 209 -6.96 2.89 -12.34
CA GLU A 209 -7.54 4.04 -11.68
C GLU A 209 -6.86 5.36 -12.02
N ASN A 210 -5.71 5.26 -12.71
CA ASN A 210 -4.90 6.42 -13.07
C ASN A 210 -4.73 6.56 -14.58
N THR A 211 -5.64 5.96 -15.35
CA THR A 211 -5.57 6.05 -16.81
C THR A 211 -6.98 6.30 -17.33
N ASN A 212 -7.00 6.79 -18.61
CA ASN A 212 -8.29 6.84 -19.39
C ASN A 212 -9.30 7.73 -18.71
N GLY A 213 -8.82 8.81 -18.11
CA GLY A 213 -9.69 9.79 -17.44
C GLY A 213 -10.17 9.39 -16.08
N GLU A 214 -9.70 8.24 -15.57
CA GLU A 214 -10.15 7.80 -14.19
C GLU A 214 -9.57 8.65 -13.12
N SER A 215 -8.42 9.28 -13.41
CA SER A 215 -7.89 10.35 -12.61
C SER A 215 -7.81 11.68 -13.43
N THR A 216 -8.21 12.78 -12.80
CA THR A 216 -8.09 14.08 -13.45
C THR A 216 -6.86 14.78 -12.94
N ALA A 217 -6.04 14.08 -12.14
CA ALA A 217 -4.87 14.74 -11.68
C ALA A 217 -3.95 15.11 -12.82
N ASP A 218 -3.16 16.17 -12.65
CA ASP A 218 -2.37 16.70 -13.76
C ASP A 218 -1.42 15.70 -14.48
N TRP A 219 -0.73 14.85 -13.69
CA TRP A 219 0.19 13.96 -14.33
C TRP A 219 -0.52 12.69 -14.93
N ALA A 220 -1.76 12.50 -14.50
CA ALA A 220 -2.47 11.27 -14.89
C ALA A 220 -3.55 11.45 -15.97
N LYS A 221 -3.92 12.72 -16.09
CA LYS A 221 -5.18 13.00 -16.77
C LYS A 221 -5.17 12.57 -18.20
N ASN A 222 -3.98 12.57 -18.78
CA ASN A 222 -3.81 12.26 -20.18
C ASN A 222 -3.18 10.87 -20.45
N LEU A 223 -3.06 10.00 -19.43
CA LEU A 223 -2.46 8.67 -19.63
C LEU A 223 -3.47 7.68 -20.21
N LYS A 224 -3.06 6.86 -21.17
CA LYS A 224 -3.86 5.86 -21.85
C LYS A 224 -3.40 4.48 -21.48
N ARG A 225 -4.34 3.64 -21.09
CA ARG A 225 -4.07 2.30 -20.66
C ARG A 225 -3.27 1.48 -21.66
N GLU A 226 -3.53 1.77 -22.96
CA GLU A 226 -2.93 0.97 -23.97
C GLU A 226 -1.43 1.25 -24.14
N ASP A 227 -0.99 2.34 -23.53
CA ASP A 227 0.41 2.73 -23.55
C ASP A 227 1.23 1.97 -22.45
N PHE A 228 0.56 1.02 -21.74
CA PHE A 228 1.24 0.30 -20.65
C PHE A 228 1.16 -1.19 -20.92
N ARG A 229 2.14 -1.92 -20.44
CA ARG A 229 2.06 -3.33 -20.43
C ARG A 229 2.45 -3.94 -19.08
N LEU A 230 2.02 -5.19 -18.84
CA LEU A 230 2.40 -5.88 -17.60
C LEU A 230 3.50 -6.85 -17.90
N LEU A 231 4.47 -7.16 -17.06
CA LEU A 231 5.53 -8.08 -17.26
C LEU A 231 5.15 -9.38 -16.57
N CYS A 232 5.08 -10.50 -17.28
CA CYS A 232 4.65 -11.75 -16.72
C CYS A 232 5.93 -12.53 -16.37
N LEU A 233 5.83 -13.43 -15.38
CA LEU A 233 7.02 -14.13 -14.89
C LEU A 233 7.63 -15.14 -15.96
N ASP A 234 6.81 -15.51 -16.89
CA ASP A 234 7.36 -16.37 -18.00
C ASP A 234 8.05 -15.57 -19.07
N GLY A 235 8.30 -14.28 -18.91
CA GLY A 235 9.11 -13.52 -19.85
C GLY A 235 8.26 -12.80 -20.91
N THR A 236 6.96 -12.97 -20.94
CA THR A 236 6.01 -12.29 -21.88
C THR A 236 5.50 -10.91 -21.40
N ARG A 237 4.90 -10.12 -22.22
CA ARG A 237 4.30 -8.85 -21.89
C ARG A 237 2.89 -8.93 -22.28
N LYS A 238 1.97 -8.46 -21.45
CA LYS A 238 0.55 -8.44 -21.78
C LYS A 238 -0.05 -7.12 -21.59
N PRO A 239 -1.15 -6.81 -22.17
CA PRO A 239 -2.01 -5.66 -21.92
C PRO A 239 -2.46 -5.70 -20.48
N VAL A 240 -2.81 -4.52 -20.01
CA VAL A 240 -3.18 -4.39 -18.61
C VAL A 240 -4.54 -5.00 -18.30
N THR A 241 -5.31 -5.46 -19.30
CA THR A 241 -6.55 -6.24 -19.10
C THR A 241 -6.26 -7.66 -18.66
N GLU A 242 -5.01 -8.08 -18.71
CA GLU A 242 -4.71 -9.48 -18.49
C GLU A 242 -4.04 -9.79 -17.15
N ALA A 243 -4.29 -8.89 -16.19
CA ALA A 243 -3.58 -9.04 -14.91
C ALA A 243 -3.86 -10.37 -14.23
N GLN A 244 -5.04 -10.97 -14.47
CA GLN A 244 -5.31 -12.25 -13.81
C GLN A 244 -4.41 -13.39 -14.27
N SER A 245 -3.79 -13.25 -15.45
CA SER A 245 -2.85 -14.17 -15.98
C SER A 245 -1.43 -13.68 -16.20
N CYS A 246 -1.12 -12.52 -15.53
CA CYS A 246 0.16 -11.83 -15.69
C CYS A 246 0.41 -10.98 -14.42
N HIS A 247 0.58 -11.63 -13.30
CA HIS A 247 0.88 -10.92 -12.02
C HIS A 247 2.03 -11.63 -11.41
N LEU A 248 2.56 -10.97 -10.37
CA LEU A 248 3.69 -11.52 -9.56
C LEU A 248 3.20 -12.24 -8.34
N ALA A 249 2.05 -11.88 -7.83
CA ALA A 249 1.48 -12.55 -6.63
C ALA A 249 0.14 -12.01 -6.36
N VAL A 250 -0.68 -12.71 -5.55
CA VAL A 250 -1.85 -12.12 -4.97
C VAL A 250 -1.54 -11.70 -3.54
N ALA A 251 -1.72 -10.45 -3.23
CA ALA A 251 -1.39 -9.83 -1.94
C ALA A 251 -2.61 -9.86 -1.05
N PRO A 252 -2.35 -10.00 0.32
CA PRO A 252 -3.47 -9.82 1.24
C PRO A 252 -3.86 -8.35 1.36
N ASN A 253 -5.11 -8.02 1.44
CA ASN A 253 -5.60 -6.66 1.49
C ASN A 253 -5.01 -5.89 2.64
N HIS A 254 -4.84 -4.59 2.42
CA HIS A 254 -4.45 -3.69 3.52
C HIS A 254 -5.46 -3.87 4.67
N ALA A 255 -4.98 -3.74 5.91
CA ALA A 255 -5.86 -3.92 7.05
C ALA A 255 -5.49 -3.05 8.22
N VAL A 256 -6.51 -2.76 9.05
CA VAL A 256 -6.30 -1.99 10.25
C VAL A 256 -5.68 -2.88 11.33
N VAL A 257 -4.63 -2.37 11.99
CA VAL A 257 -4.05 -3.10 13.09
C VAL A 257 -4.14 -2.27 14.37
N SER A 258 -4.11 -2.97 15.55
CA SER A 258 -4.11 -2.28 16.83
C SER A 258 -3.45 -3.17 17.80
N ARG A 259 -3.21 -2.63 19.00
CA ARG A 259 -2.83 -3.55 20.12
C ARG A 259 -3.98 -4.43 20.35
N SER A 260 -3.59 -5.61 20.84
CA SER A 260 -4.56 -6.60 21.08
C SER A 260 -5.60 -6.15 22.12
N ASP A 261 -5.13 -5.46 23.16
CA ASP A 261 -6.04 -4.96 24.14
C ASP A 261 -7.01 -3.89 23.74
N ARG A 262 -6.77 -3.21 22.58
CA ARG A 262 -7.73 -2.23 22.10
C ARG A 262 -8.50 -2.62 20.83
N ALA A 263 -8.25 -3.84 20.39
CA ALA A 263 -8.87 -4.29 19.10
C ALA A 263 -10.35 -4.26 19.06
N ALA A 264 -11.02 -4.72 20.15
CA ALA A 264 -12.41 -4.75 20.14
C ALA A 264 -13.00 -3.36 20.10
N HIS A 265 -12.41 -2.45 20.80
CA HIS A 265 -12.93 -1.14 20.77
C HIS A 265 -12.64 -0.40 19.48
N VAL A 266 -11.45 -0.59 18.92
CA VAL A 266 -11.20 0.00 17.59
C VAL A 266 -12.21 -0.53 16.58
N GLU A 267 -12.49 -1.83 16.60
CA GLU A 267 -13.40 -2.43 15.65
C GLU A 267 -14.77 -1.77 15.77
N GLN A 268 -15.29 -1.69 17.00
CA GLN A 268 -16.65 -1.13 17.15
C GLN A 268 -16.71 0.31 16.69
N VAL A 269 -15.68 1.13 16.98
CA VAL A 269 -15.76 2.52 16.58
C VAL A 269 -15.64 2.63 15.07
N LEU A 270 -14.78 1.87 14.44
CA LEU A 270 -14.69 1.94 12.98
C LEU A 270 -15.88 1.49 12.26
N LEU A 271 -16.58 0.42 12.79
CA LEU A 271 -17.80 -0.01 12.12
C LEU A 271 -18.84 1.16 12.19
N HIS A 272 -18.86 1.88 13.29
CA HIS A 272 -19.78 3.05 13.35
C HIS A 272 -19.30 4.20 12.45
N GLN A 273 -17.98 4.48 12.47
CA GLN A 273 -17.49 5.52 11.65
C GLN A 273 -17.72 5.30 10.14
N GLN A 274 -17.58 4.10 9.63
CA GLN A 274 -17.83 3.89 8.20
C GLN A 274 -19.35 3.95 7.89
N ALA A 275 -20.17 3.61 8.89
CA ALA A 275 -21.64 3.87 8.64
C ALA A 275 -21.92 5.34 8.37
N LEU A 276 -21.18 6.24 8.98
CA LEU A 276 -21.30 7.65 8.77
C LEU A 276 -20.59 8.15 7.51
N PHE A 277 -19.34 7.71 7.34
CA PHE A 277 -18.45 8.37 6.37
C PHE A 277 -17.93 7.44 5.34
N GLY A 278 -18.32 6.17 5.31
CA GLY A 278 -17.92 5.22 4.31
C GLY A 278 -18.60 5.41 2.96
N LYS A 279 -18.43 4.41 2.12
CA LYS A 279 -18.97 4.49 0.75
C LYS A 279 -20.40 4.99 0.56
N ASN A 280 -21.36 4.35 1.20
CA ASN A 280 -22.73 4.94 1.15
C ASN A 280 -23.05 5.55 2.49
N GLY A 281 -22.06 6.15 3.16
CA GLY A 281 -22.21 6.60 4.52
C GLY A 281 -23.31 7.67 4.64
N LYS A 282 -23.84 7.78 5.82
CA LYS A 282 -24.90 8.80 6.05
C LYS A 282 -24.48 10.26 5.77
N ASN A 283 -23.18 10.55 5.96
CA ASN A 283 -22.63 11.86 5.85
C ASN A 283 -21.57 11.96 4.74
N CYS A 284 -21.58 10.98 3.84
CA CYS A 284 -20.62 10.96 2.71
C CYS A 284 -21.48 10.94 1.46
N PRO A 285 -21.27 11.92 0.56
CA PRO A 285 -20.25 13.00 0.44
C PRO A 285 -20.60 14.35 1.05
N ASP A 286 -21.82 14.47 1.59
CA ASP A 286 -22.23 15.69 2.24
C ASP A 286 -21.20 16.36 3.14
N LYS A 287 -20.64 15.59 4.11
CA LYS A 287 -19.74 16.15 5.10
C LYS A 287 -18.29 15.62 4.99
N PHE A 288 -18.11 14.31 4.82
CA PHE A 288 -16.73 13.82 4.91
C PHE A 288 -16.81 12.40 4.38
N CYS A 289 -15.82 12.05 3.53
CA CYS A 289 -15.70 10.64 3.03
C CYS A 289 -14.32 10.02 3.45
N LEU A 290 -14.47 9.00 4.24
CA LEU A 290 -13.30 8.34 4.90
C LEU A 290 -12.47 7.70 3.84
N PHE A 291 -13.01 7.29 2.72
CA PHE A 291 -12.33 6.49 1.70
C PHE A 291 -12.10 7.29 0.43
N LYS A 292 -12.11 8.63 0.50
CA LYS A 292 -11.57 9.44 -0.59
C LYS A 292 -10.55 10.42 -0.20
N SER A 293 -9.58 10.63 -1.13
CA SER A 293 -8.53 11.59 -0.94
C SER A 293 -7.94 12.04 -2.24
N GLU A 294 -8.79 12.35 -3.19
CA GLU A 294 -8.27 12.75 -4.55
C GLU A 294 -7.14 11.86 -5.07
N THR A 295 -7.34 10.55 -4.92
CA THR A 295 -6.50 9.44 -5.49
C THR A 295 -5.22 9.22 -4.68
N LYS A 296 -5.01 9.98 -3.62
CA LYS A 296 -3.78 9.95 -2.93
C LYS A 296 -3.73 8.77 -1.90
N ASN A 297 -4.87 8.05 -1.77
CA ASN A 297 -4.85 6.90 -0.85
C ASN A 297 -4.36 7.32 0.52
N LEU A 298 -4.98 8.37 1.07
CA LEU A 298 -4.59 8.81 2.39
C LEU A 298 -5.44 8.09 3.44
N LEU A 299 -4.78 7.45 4.41
CA LEU A 299 -5.46 6.70 5.58
C LEU A 299 -6.13 5.40 5.18
N PHE A 300 -6.58 5.30 3.90
CA PHE A 300 -7.21 4.12 3.31
C PHE A 300 -7.01 4.27 1.80
N ASN A 301 -7.01 3.16 1.08
CA ASN A 301 -7.06 3.21 -0.39
C ASN A 301 -8.33 3.85 -0.83
N ASP A 302 -8.27 4.74 -1.83
CA ASP A 302 -9.44 5.37 -2.34
C ASP A 302 -10.44 4.39 -2.95
N ASN A 303 -10.00 3.25 -3.39
CA ASN A 303 -10.93 2.20 -3.91
C ASN A 303 -11.67 1.35 -2.83
N THR A 304 -11.47 1.72 -1.56
CA THR A 304 -12.09 0.93 -0.50
C THR A 304 -13.64 1.11 -0.45
N GLU A 305 -14.35 -0.03 -0.51
CA GLU A 305 -15.87 0.05 -0.39
C GLU A 305 -16.23 0.02 1.08
N CYS A 306 -15.54 -0.80 1.90
CA CYS A 306 -15.77 -0.84 3.33
C CYS A 306 -14.57 -1.49 4.03
N LEU A 307 -14.60 -1.41 5.35
CA LEU A 307 -13.69 -2.23 6.16
C LEU A 307 -14.56 -3.43 6.54
N ALA A 308 -14.03 -4.60 6.34
CA ALA A 308 -14.78 -5.85 6.56
C ALA A 308 -14.26 -6.62 7.75
N LYS A 309 -15.18 -7.32 8.42
CA LYS A 309 -14.84 -8.23 9.47
C LYS A 309 -14.00 -9.36 9.04
N LEU A 310 -13.16 -9.81 9.94
CA LEU A 310 -12.24 -10.87 9.61
C LEU A 310 -12.83 -12.22 10.10
N GLY A 311 -12.75 -13.26 9.31
CA GLY A 311 -13.24 -14.57 9.78
C GLY A 311 -12.13 -15.28 10.52
N GLY A 312 -12.52 -15.95 11.61
CA GLY A 312 -11.55 -16.82 12.32
C GLY A 312 -10.59 -16.09 13.28
N ARG A 313 -10.94 -14.86 13.64
CA ARG A 313 -10.12 -14.11 14.60
C ARG A 313 -8.62 -14.31 14.31
N PRO A 314 -8.17 -13.92 13.08
CA PRO A 314 -6.89 -14.40 12.70
C PRO A 314 -5.71 -13.74 13.34
N THR A 315 -4.64 -14.46 13.55
CA THR A 315 -3.38 -13.89 13.94
C THR A 315 -2.80 -13.10 12.72
N TYR A 316 -1.73 -12.32 12.88
CA TYR A 316 -1.23 -11.68 11.72
C TYR A 316 -0.67 -12.71 10.78
N GLU A 317 -0.16 -13.86 11.18
CA GLU A 317 0.36 -14.80 10.19
C GLU A 317 -0.75 -15.48 9.49
N GLU A 318 -1.88 -15.75 10.13
CA GLU A 318 -3.01 -16.34 9.45
C GLU A 318 -3.61 -15.37 8.42
N TYR A 319 -3.64 -14.07 8.76
CA TYR A 319 -4.24 -13.04 7.87
C TYR A 319 -3.29 -12.91 6.64
N LEU A 320 -1.99 -12.83 6.81
CA LEU A 320 -1.07 -12.62 5.68
C LEU A 320 -1.06 -13.88 4.85
N GLY A 321 -1.21 -15.04 5.48
CA GLY A 321 -1.03 -16.35 4.81
C GLY A 321 0.37 -16.86 4.93
N THR A 322 0.50 -18.21 5.07
CA THR A 322 1.79 -18.85 5.30
C THR A 322 2.74 -18.67 4.09
N GLU A 323 2.26 -18.69 2.86
CA GLU A 323 3.10 -18.48 1.61
C GLU A 323 3.84 -17.06 1.74
N TYR A 324 3.04 -16.07 2.06
CA TYR A 324 3.58 -14.72 2.08
C TYR A 324 4.49 -14.53 3.26
N VAL A 325 4.15 -15.05 4.49
CA VAL A 325 5.00 -14.87 5.58
C VAL A 325 6.39 -15.53 5.35
N THR A 326 6.32 -16.71 4.75
CA THR A 326 7.57 -17.44 4.44
C THR A 326 8.39 -16.58 3.41
N ALA A 327 7.69 -16.02 2.40
CA ALA A 327 8.44 -15.20 1.35
C ALA A 327 9.15 -14.03 2.11
N ILE A 328 8.44 -13.31 3.02
CA ILE A 328 9.08 -12.24 3.69
C ILE A 328 10.27 -12.58 4.55
N ALA A 329 10.03 -13.62 5.35
CA ALA A 329 11.10 -14.16 6.20
C ALA A 329 12.37 -14.47 5.38
N ASN A 330 12.18 -15.13 4.24
CA ASN A 330 13.35 -15.42 3.38
C ASN A 330 14.04 -14.13 2.88
N LEU A 331 13.21 -13.15 2.44
CA LEU A 331 13.83 -11.94 1.94
C LEU A 331 14.58 -11.22 3.09
N LYS A 332 14.04 -11.23 4.28
CA LYS A 332 14.62 -10.45 5.37
C LYS A 332 15.92 -11.18 5.84
N LYS A 333 16.12 -12.44 5.49
CA LYS A 333 17.43 -13.09 5.68
C LYS A 333 18.58 -12.27 5.04
N CYS A 334 18.31 -11.53 3.96
CA CYS A 334 19.30 -10.66 3.26
C CYS A 334 19.77 -9.37 3.95
N SER A 335 18.99 -8.87 4.90
CA SER A 335 19.40 -7.62 5.51
C SER A 335 19.23 -7.68 7.03
N LEU B 1 14.07 -15.53 12.84
CA LEU B 1 12.62 -15.62 12.93
C LEU B 1 12.05 -14.58 13.95
N GLU B 2 12.53 -14.65 15.20
CA GLU B 2 11.81 -14.15 16.43
C GLU B 2 12.33 -12.87 17.14
N ALA B 3 11.80 -11.73 16.72
CA ALA B 3 12.03 -10.46 17.42
C ALA B 3 11.23 -9.34 16.75
N CYS B 4 10.59 -8.55 17.58
CA CYS B 4 10.06 -7.28 17.11
C CYS B 4 11.30 -6.44 16.69
N ALA B 5 11.18 -5.73 15.56
CA ALA B 5 12.23 -4.82 15.05
C ALA B 5 12.56 -3.59 15.92
N PHE B 6 11.76 -3.29 16.95
CA PHE B 6 11.94 -2.04 17.77
C PHE B 6 12.28 -2.28 19.25
C1 NAG C . 12.09 -17.54 -2.28
C2 NAG C . 10.58 -17.60 -2.29
C3 NAG C . 10.03 -18.31 -1.02
C4 NAG C . 10.79 -19.68 -0.78
C5 NAG C . 12.33 -19.54 -0.91
C6 NAG C . 13.08 -20.92 -0.90
C7 NAG C . 9.25 -15.83 -3.21
C8 NAG C . 8.81 -14.40 -3.20
N2 NAG C . 10.15 -16.20 -2.33
O3 NAG C . 8.63 -18.42 -1.11
O4 NAG C . 10.53 -20.21 0.55
O5 NAG C . 12.68 -18.86 -2.13
O6 NAG C . 12.52 -21.69 -1.95
O7 NAG C . 8.67 -16.61 -4.05
C1 NAG C . 9.72 -21.42 0.39
C2 NAG C . 9.88 -22.25 1.66
C3 NAG C . 9.06 -23.54 1.57
C4 NAG C . 7.58 -23.31 1.24
C5 NAG C . 7.52 -22.42 -0.01
C6 NAG C . 6.10 -21.96 -0.33
C7 NAG C . 12.11 -21.98 2.73
C8 NAG C . 13.55 -22.41 2.75
N2 NAG C . 11.28 -22.52 1.84
O3 NAG C . 9.13 -24.30 2.76
O4 NAG C . 7.11 -24.62 0.90
O5 NAG C . 8.38 -21.25 0.02
O6 NAG C . 5.59 -21.10 0.68
O7 NAG C . 11.81 -21.16 3.61
C1 NAG D . -7.79 -4.55 -12.24
C2 NAG D . -8.95 -5.51 -12.25
C3 NAG D . -10.16 -4.82 -12.92
C4 NAG D . -10.60 -3.63 -12.12
C5 NAG D . -9.34 -2.67 -12.05
C6 NAG D . -9.59 -1.46 -11.17
C7 NAG D . -8.39 -7.91 -12.32
C8 NAG D . -7.97 -9.05 -13.21
N2 NAG D . -8.47 -6.75 -12.94
O3 NAG D . -11.15 -5.82 -12.77
O4 NAG D . -11.59 -2.97 -12.85
O5 NAG D . -8.20 -3.37 -11.54
O6 NAG D . -9.96 -1.89 -9.90
O7 NAG D . -8.60 -8.11 -11.11
C1 NAG D . -12.76 -2.66 -12.08
C2 NAG D . -13.51 -1.59 -12.86
C3 NAG D . -14.93 -1.44 -12.28
C4 NAG D . -15.66 -2.77 -12.29
C5 NAG D . -14.85 -3.70 -11.39
C6 NAG D . -15.48 -5.09 -11.37
C7 NAG D . -12.29 0.37 -13.75
C8 NAG D . -11.66 1.69 -13.38
N2 NAG D . -12.83 -0.31 -12.74
O3 NAG D . -15.67 -0.59 -13.08
O4 NAG D . -16.99 -2.58 -11.83
O5 NAG D . -13.50 -3.86 -11.85
O6 NAG D . -14.67 -5.82 -10.48
O7 NAG D . -12.28 0.02 -14.92
ZN ZN E . -6.59 -18.88 13.97
FE FE F . 0.05 -2.93 -0.71
C CO3 G . 2.14 -2.22 -1.74
O1 CO3 G . 1.60 -3.37 -1.99
O2 CO3 G . 1.49 -1.47 -0.93
O3 CO3 G . 3.24 -1.98 -2.32
S SO4 H . 4.02 -5.39 -26.77
O1 SO4 H . 2.74 -4.67 -26.91
O2 SO4 H . 4.27 -6.25 -27.93
O3 SO4 H . 5.14 -4.41 -26.74
O4 SO4 H . 4.01 -6.23 -25.59
C1 NAG I . -19.60 9.28 19.15
C2 NAG I . -20.73 9.18 18.16
C3 NAG I . -22.05 9.10 18.99
C4 NAG I . -22.08 7.89 19.93
C5 NAG I . -20.82 7.88 20.77
C6 NAG I . -20.68 6.59 21.63
C7 NAG I . -20.02 10.37 15.99
C8 NAG I . -20.45 11.60 15.26
N2 NAG I . -20.75 10.23 17.16
O3 NAG I . -23.13 8.83 18.13
O4 NAG I . -23.18 8.00 20.84
O5 NAG I . -19.66 8.09 19.92
O6 NAG I . -20.65 5.39 20.87
O7 NAG I . -19.04 9.70 15.52
C1 GOL J . 15.51 -13.25 -14.32
O1 GOL J . 16.82 -13.77 -14.45
C2 GOL J . 15.47 -12.27 -13.14
O2 GOL J . 16.78 -11.94 -12.78
C3 GOL J . 14.82 -10.98 -13.47
O3 GOL J . 15.46 -10.55 -14.66
C1 GOL K . 1.69 11.37 -6.60
O1 GOL K . 2.75 12.27 -6.88
C2 GOL K . 1.18 11.37 -5.16
O2 GOL K . 0.57 12.65 -4.96
C3 GOL K . 2.32 11.26 -4.15
O3 GOL K . 1.74 11.40 -2.81
OXT JMS L . -0.61 -16.50 -3.11
C7 JMS L . -0.33 -16.07 -4.38
OH JMS L . 0.61 -15.35 -4.67
C1 JMS L . -1.31 -16.46 -5.45
C6 JMS L . -2.51 -17.05 -5.00
C5 JMS L . -3.50 -17.43 -5.88
C4 JMS L . -3.35 -17.22 -7.27
C3 JMS L . -2.18 -16.63 -7.72
C2 JMS L . -1.12 -16.27 -6.87
N JMS L . -0.01 -15.56 -7.47
C1B JMS L . 0.84 -16.08 -8.38
C2B JMS L . 0.11 -16.67 -9.46
CL1 JMS L . -1.24 -16.24 -9.30
C3B JMS L . 1.04 -17.09 -10.41
C7B JMS L . 0.84 -17.76 -11.77
C4B JMS L . 2.45 -17.15 -10.20
C5B JMS L . 3.06 -16.68 -9.04
C6B JMS L . 2.21 -16.13 -8.09
CL2 JMS L . 2.87 -15.48 -6.53
#